data_1Y6N
#
_entry.id   1Y6N
#
_cell.length_a   45.603
_cell.length_b   45.603
_cell.length_c   310.611
_cell.angle_alpha   90.00
_cell.angle_beta   90.00
_cell.angle_gamma   120.00
#
_symmetry.space_group_name_H-M   'P 32 1 2'
#
loop_
_entity.id
_entity.type
_entity.pdbx_description
1 polymer 'Viral interleukin-10 homolog'
2 polymer 'Interleukin-10 receptor alpha chain'
3 water water
#
loop_
_entity_poly.entity_id
_entity_poly.type
_entity_poly.pdbx_seq_one_letter_code
_entity_poly.pdbx_strand_id
1 'polypeptide(L)'
;QCDNFPQ(MSE)LRDLRDAFSRVKTFFQTKDEVDNLLLKESLLEDFKGYLGCQALSE(MSE)IQFYLEEV(MSE)PQAEN
QDPEIKDHVNSLGENLKTLRLRLRRCHRFLPCENKSKAVEQIKNAFNKLQEKGIYKA(MSE)SEFDIFINYIEAY(MSE)
TIKAR
;
L
2 'polypeptide(L)'
;HGTELPSPPSVWFEAEFFHHILHWTPIPQQSESTCYEVALLRYGIESWNSISQCSQTLSYDLTAVTLDLYHSNGYRARVR
AVDGSRHSQWTVTNTRFSVDEVTLTVGSVNLEIHNGFILGKIQLPRPKMAPAQDTYESIFSHFREYEIAIRKVPGQFTFT
HKKVKHEQFSLLTSGEVGEFCVQVKPSVASRSNKGMWSKEECISLTRQYFTVTN
;
R
#
# COMPACT_ATOMS: atom_id res chain seq x y z
N CYS A 2 13.96 2.60 -12.64
CA CYS A 2 13.78 3.01 -14.06
C CYS A 2 13.21 4.43 -14.13
N ASP A 3 12.10 4.63 -14.82
CA ASP A 3 11.51 5.97 -14.95
C ASP A 3 10.73 6.48 -13.73
N ASN A 4 9.41 6.33 -13.76
CA ASN A 4 8.54 6.79 -12.67
C ASN A 4 7.61 5.70 -12.16
N PHE A 5 8.16 4.62 -11.62
CA PHE A 5 7.31 3.55 -11.13
C PHE A 5 6.74 3.74 -9.72
N PRO A 6 7.34 4.61 -8.90
CA PRO A 6 6.81 4.81 -7.55
C PRO A 6 5.43 5.46 -7.63
N GLN A 7 5.29 6.38 -8.57
CA GLN A 7 4.05 7.10 -8.76
C GLN A 7 2.99 6.22 -9.40
N MSE A 8 3.43 5.32 -10.27
CA MSE A 8 2.54 4.39 -10.96
C MSE A 8 1.89 3.48 -9.92
O MSE A 8 0.75 3.05 -10.08
CB MSE A 8 3.32 3.54 -11.96
CG MSE A 8 2.81 3.59 -13.41
SE MSE A 8 3.73 4.90 -14.54
CE MSE A 8 2.27 6.16 -14.79
N LEU A 9 2.63 3.18 -8.86
CA LEU A 9 2.12 2.34 -7.80
C LEU A 9 1.06 3.12 -7.02
N ARG A 10 1.44 4.31 -6.57
CA ARG A 10 0.54 5.16 -5.81
C ARG A 10 -0.75 5.42 -6.58
N ASP A 11 -0.65 5.52 -7.91
CA ASP A 11 -1.82 5.76 -8.74
C ASP A 11 -2.73 4.56 -8.65
N LEU A 12 -2.12 3.39 -8.75
CA LEU A 12 -2.85 2.15 -8.70
C LEU A 12 -3.49 2.04 -7.32
N ARG A 13 -2.71 2.34 -6.29
CA ARG A 13 -3.22 2.29 -4.94
C ARG A 13 -4.37 3.29 -4.74
N ASP A 14 -4.17 4.55 -5.12
CA ASP A 14 -5.22 5.55 -4.97
C ASP A 14 -6.49 5.13 -5.68
N ALA A 15 -6.35 4.50 -6.85
CA ALA A 15 -7.51 4.07 -7.61
C ALA A 15 -8.24 2.99 -6.83
N PHE A 16 -7.46 2.20 -6.09
CA PHE A 16 -8.00 1.12 -5.29
C PHE A 16 -8.77 1.62 -4.09
N SER A 17 -8.24 2.64 -3.43
CA SER A 17 -8.92 3.20 -2.26
C SER A 17 -10.27 3.75 -2.66
N ARG A 18 -10.49 3.93 -3.96
CA ARG A 18 -11.77 4.44 -4.48
C ARG A 18 -12.84 3.37 -4.46
N VAL A 19 -12.43 2.11 -4.35
CA VAL A 19 -13.39 1.01 -4.34
C VAL A 19 -13.08 0.03 -3.23
N LYS A 20 -12.13 0.39 -2.38
CA LYS A 20 -11.75 -0.48 -1.28
C LYS A 20 -12.89 -0.84 -0.33
N THR A 21 -13.63 0.17 0.11
CA THR A 21 -14.73 -0.05 1.05
C THR A 21 -15.93 -0.74 0.43
N PHE A 22 -16.13 -0.54 -0.87
CA PHE A 22 -17.24 -1.19 -1.53
C PHE A 22 -17.05 -2.70 -1.43
N PHE A 23 -15.90 -3.18 -1.87
CA PHE A 23 -15.61 -4.61 -1.88
C PHE A 23 -15.32 -5.29 -0.57
N GLN A 24 -14.40 -4.72 0.21
CA GLN A 24 -14.05 -5.34 1.48
C GLN A 24 -15.22 -5.38 2.47
N THR A 25 -16.36 -4.89 2.05
CA THR A 25 -17.55 -4.89 2.89
C THR A 25 -18.43 -6.04 2.41
N LYS A 26 -18.23 -6.44 1.16
CA LYS A 26 -19.01 -7.51 0.52
C LYS A 26 -18.38 -8.89 0.65
N ASP A 27 -17.08 -8.94 0.93
CA ASP A 27 -16.37 -10.21 1.07
C ASP A 27 -16.36 -10.68 2.52
N GLU A 28 -17.32 -11.56 2.86
CA GLU A 28 -17.47 -12.08 4.21
C GLU A 28 -16.69 -13.35 4.52
N VAL A 29 -16.01 -13.91 3.54
CA VAL A 29 -15.20 -15.09 3.77
C VAL A 29 -13.84 -14.52 4.14
N ASP A 30 -13.00 -15.24 4.88
CA ASP A 30 -11.71 -14.66 5.21
C ASP A 30 -10.45 -15.47 4.96
N ASN A 31 -10.48 -16.23 3.86
CA ASN A 31 -9.33 -17.03 3.47
C ASN A 31 -8.58 -16.21 2.44
N LEU A 32 -7.30 -16.49 2.28
CA LEU A 32 -6.50 -15.75 1.34
C LEU A 32 -6.56 -16.38 -0.05
N LEU A 33 -6.98 -15.59 -1.04
CA LEU A 33 -7.08 -16.07 -2.42
C LEU A 33 -5.69 -16.10 -3.04
N LEU A 34 -4.98 -14.98 -2.91
CA LEU A 34 -3.66 -14.83 -3.46
C LEU A 34 -2.63 -15.38 -2.48
N LYS A 35 -2.51 -16.70 -2.47
CA LYS A 35 -1.57 -17.40 -1.60
C LYS A 35 -0.14 -16.89 -1.78
N GLU A 36 0.69 -17.14 -0.77
CA GLU A 36 2.08 -16.73 -0.80
C GLU A 36 2.78 -17.45 -1.94
N SER A 37 2.19 -18.58 -2.34
CA SER A 37 2.69 -19.41 -3.43
C SER A 37 2.90 -18.52 -4.66
N LEU A 38 1.89 -17.68 -4.91
CA LEU A 38 1.91 -16.77 -6.04
C LEU A 38 3.09 -15.84 -5.89
N LEU A 39 3.37 -15.43 -4.66
CA LEU A 39 4.48 -14.53 -4.40
C LEU A 39 5.78 -15.24 -4.77
N GLU A 40 5.86 -16.52 -4.45
CA GLU A 40 7.05 -17.28 -4.76
C GLU A 40 7.31 -17.35 -6.25
N ASP A 41 6.29 -17.70 -7.02
CA ASP A 41 6.46 -17.77 -8.47
C ASP A 41 7.05 -16.43 -8.91
N PHE A 42 6.46 -15.35 -8.43
CA PHE A 42 6.91 -14.00 -8.75
C PHE A 42 8.39 -13.83 -8.48
N LYS A 43 8.89 -14.56 -7.48
CA LYS A 43 10.30 -14.50 -7.10
C LYS A 43 11.12 -15.48 -7.94
N GLY A 44 10.43 -16.36 -8.66
CA GLY A 44 11.11 -17.34 -9.49
C GLY A 44 11.16 -16.97 -10.95
N TYR A 45 11.89 -17.76 -11.73
CA TYR A 45 12.04 -17.51 -13.16
C TYR A 45 10.69 -17.39 -13.86
N LEU A 46 9.71 -18.15 -13.39
CA LEU A 46 8.37 -18.08 -13.97
C LEU A 46 7.70 -16.81 -13.46
N GLY A 47 8.49 -15.91 -12.88
CA GLY A 47 7.97 -14.68 -12.34
C GLY A 47 7.27 -13.78 -13.35
N CYS A 48 7.96 -13.45 -14.44
CA CYS A 48 7.37 -12.59 -15.46
C CYS A 48 6.05 -13.14 -15.96
N GLN A 49 6.00 -14.44 -16.22
CA GLN A 49 4.78 -15.04 -16.73
C GLN A 49 3.66 -15.03 -15.68
N ALA A 50 4.04 -15.22 -14.43
CA ALA A 50 3.05 -15.22 -13.36
C ALA A 50 2.41 -13.82 -13.30
N LEU A 51 3.25 -12.79 -13.25
CA LEU A 51 2.76 -11.43 -13.19
C LEU A 51 1.87 -11.05 -14.38
N SER A 52 2.23 -11.53 -15.57
CA SER A 52 1.45 -11.24 -16.78
C SER A 52 0.10 -11.93 -16.73
N GLU A 53 0.11 -13.19 -16.29
CA GLU A 53 -1.12 -13.97 -16.17
C GLU A 53 -2.05 -13.32 -15.16
N MSE A 54 -1.48 -12.77 -14.09
CA MSE A 54 -2.27 -12.12 -13.07
C MSE A 54 -2.89 -10.81 -13.54
O MSE A 54 -4.04 -10.51 -13.23
CB MSE A 54 -1.42 -11.89 -11.82
CG MSE A 54 -1.24 -13.15 -10.97
SE MSE A 54 -2.93 -14.02 -10.61
CE MSE A 54 -3.69 -12.70 -9.42
N ILE A 55 -2.13 -10.04 -14.30
CA ILE A 55 -2.64 -8.78 -14.83
C ILE A 55 -3.76 -9.09 -15.81
N GLN A 56 -3.51 -10.09 -16.64
CA GLN A 56 -4.47 -10.56 -17.61
C GLN A 56 -5.73 -11.00 -16.88
N PHE A 57 -5.54 -11.82 -15.86
CA PHE A 57 -6.64 -12.34 -15.06
C PHE A 57 -7.58 -11.23 -14.61
N TYR A 58 -7.03 -10.26 -13.88
CA TYR A 58 -7.83 -9.15 -13.40
C TYR A 58 -8.50 -8.37 -14.50
N LEU A 59 -7.72 -7.99 -15.51
CA LEU A 59 -8.24 -7.22 -16.64
C LEU A 59 -9.29 -7.92 -17.50
N GLU A 60 -9.18 -9.22 -17.68
CA GLU A 60 -10.14 -9.95 -18.51
C GLU A 60 -11.25 -10.66 -17.75
N GLU A 61 -10.90 -11.30 -16.65
CA GLU A 61 -11.88 -12.03 -15.86
C GLU A 61 -12.48 -11.21 -14.72
N VAL A 62 -11.68 -10.96 -13.69
CA VAL A 62 -12.14 -10.24 -12.51
C VAL A 62 -12.85 -8.90 -12.68
N MSE A 63 -12.14 -7.90 -13.19
CA MSE A 63 -12.73 -6.58 -13.34
C MSE A 63 -13.94 -6.51 -14.27
O MSE A 63 -15.00 -6.04 -13.86
CB MSE A 63 -11.65 -5.58 -13.78
CG MSE A 63 -10.49 -5.56 -12.81
SE MSE A 63 -9.20 -4.18 -13.07
CE MSE A 63 -9.78 -2.95 -11.71
N PRO A 64 -13.80 -6.96 -15.53
CA PRO A 64 -14.95 -6.91 -16.44
C PRO A 64 -16.19 -7.52 -15.79
N GLN A 65 -16.04 -8.74 -15.28
CA GLN A 65 -17.13 -9.44 -14.62
C GLN A 65 -17.74 -8.60 -13.51
N ALA A 66 -16.91 -7.78 -12.87
CA ALA A 66 -17.37 -6.93 -11.78
C ALA A 66 -18.20 -5.76 -12.29
N GLU A 67 -17.59 -4.98 -13.17
CA GLU A 67 -18.24 -3.81 -13.74
C GLU A 67 -19.59 -4.20 -14.31
N ASN A 68 -19.71 -5.45 -14.74
CA ASN A 68 -20.96 -5.95 -15.30
C ASN A 68 -21.69 -6.85 -14.33
N GLN A 69 -21.62 -6.49 -13.06
CA GLN A 69 -22.29 -7.22 -11.99
C GLN A 69 -22.78 -6.19 -11.00
N ASP A 70 -22.02 -5.09 -10.93
CA ASP A 70 -22.32 -3.97 -10.06
C ASP A 70 -21.95 -2.67 -10.75
N PRO A 71 -22.88 -2.09 -11.52
CA PRO A 71 -22.66 -0.85 -12.26
C PRO A 71 -22.23 0.34 -11.40
N GLU A 72 -22.75 0.43 -10.19
CA GLU A 72 -22.43 1.55 -9.30
C GLU A 72 -20.95 1.93 -9.44
N ILE A 73 -20.05 0.99 -9.12
CA ILE A 73 -18.61 1.24 -9.21
C ILE A 73 -17.97 0.84 -10.53
N LYS A 74 -18.79 0.58 -11.56
CA LYS A 74 -18.30 0.20 -12.88
C LYS A 74 -17.22 1.13 -13.40
N ASP A 75 -17.49 2.43 -13.34
CA ASP A 75 -16.55 3.43 -13.80
C ASP A 75 -15.30 3.41 -12.92
N HIS A 76 -15.51 3.21 -11.63
CA HIS A 76 -14.40 3.16 -10.67
C HIS A 76 -13.54 1.92 -10.90
N VAL A 77 -14.19 0.80 -11.18
CA VAL A 77 -13.46 -0.43 -11.44
C VAL A 77 -12.65 -0.20 -12.71
N ASN A 78 -13.27 0.48 -13.67
CA ASN A 78 -12.63 0.77 -14.94
C ASN A 78 -11.41 1.69 -14.80
N SER A 79 -11.57 2.74 -14.02
CA SER A 79 -10.49 3.69 -13.80
C SER A 79 -9.26 2.96 -13.24
N LEU A 80 -9.51 1.98 -12.37
CA LEU A 80 -8.44 1.20 -11.76
C LEU A 80 -7.80 0.33 -12.84
N GLY A 81 -8.64 -0.27 -13.68
CA GLY A 81 -8.16 -1.12 -14.76
C GLY A 81 -7.20 -0.40 -15.69
N GLU A 82 -7.54 0.83 -16.04
CA GLU A 82 -6.66 1.59 -16.91
C GLU A 82 -5.33 1.83 -16.20
N ASN A 83 -5.39 2.13 -14.90
CA ASN A 83 -4.18 2.36 -14.13
C ASN A 83 -3.29 1.11 -14.20
N LEU A 84 -3.91 -0.02 -14.44
CA LEU A 84 -3.18 -1.27 -14.51
C LEU A 84 -2.52 -1.42 -15.87
N LYS A 85 -3.28 -1.13 -16.93
CA LYS A 85 -2.78 -1.22 -18.29
C LYS A 85 -1.57 -0.31 -18.41
N THR A 86 -1.75 0.90 -17.90
CA THR A 86 -0.72 1.92 -17.91
C THR A 86 0.54 1.36 -17.29
N LEU A 87 0.40 0.88 -16.06
CA LEU A 87 1.51 0.30 -15.33
C LEU A 87 2.16 -0.84 -16.10
N ARG A 88 1.35 -1.56 -16.88
CA ARG A 88 1.86 -2.68 -17.66
C ARG A 88 2.83 -2.19 -18.72
N LEU A 89 2.43 -1.14 -19.43
CA LEU A 89 3.24 -0.57 -20.48
C LEU A 89 4.62 -0.17 -19.95
N ARG A 90 4.65 0.70 -18.95
CA ARG A 90 5.91 1.13 -18.38
C ARG A 90 6.79 -0.05 -17.94
N LEU A 91 6.17 -1.16 -17.55
CA LEU A 91 6.93 -2.32 -17.10
C LEU A 91 7.73 -3.02 -18.18
N ARG A 92 7.16 -3.14 -19.37
CA ARG A 92 7.87 -3.82 -20.44
C ARG A 92 8.67 -2.81 -21.24
N ARG A 93 8.46 -1.53 -20.94
CA ARG A 93 9.21 -0.47 -21.61
C ARG A 93 10.49 -0.26 -20.80
N CYS A 94 10.63 -1.03 -19.73
CA CYS A 94 11.81 -0.98 -18.86
C CYS A 94 12.40 -2.38 -18.75
N HIS A 95 12.41 -3.08 -19.89
CA HIS A 95 12.93 -4.43 -20.01
C HIS A 95 12.86 -5.25 -18.73
N ARG A 96 13.95 -5.23 -17.97
CA ARG A 96 14.11 -5.94 -16.71
C ARG A 96 12.83 -6.51 -16.08
N PHE A 97 11.74 -5.75 -16.16
CA PHE A 97 10.48 -6.14 -15.57
C PHE A 97 9.54 -7.03 -16.40
N LEU A 98 9.03 -6.54 -17.51
CA LEU A 98 8.13 -7.36 -18.32
C LEU A 98 8.66 -7.73 -19.70
N PRO A 99 9.67 -8.60 -19.76
CA PRO A 99 10.23 -9.00 -21.05
C PRO A 99 9.37 -10.05 -21.76
N CYS A 100 8.74 -10.93 -20.98
CA CYS A 100 7.91 -11.99 -21.52
C CYS A 100 6.73 -11.47 -22.33
N GLU A 101 6.56 -10.15 -22.39
CA GLU A 101 5.50 -9.53 -23.16
C GLU A 101 6.14 -8.66 -24.24
N ASN A 102 7.47 -8.74 -24.29
CA ASN A 102 8.25 -8.00 -25.25
C ASN A 102 8.52 -8.82 -26.50
N LYS A 103 7.93 -8.41 -27.61
CA LYS A 103 8.10 -9.10 -28.87
C LYS A 103 9.42 -8.75 -29.57
N SER A 104 10.18 -9.78 -29.95
CA SER A 104 11.47 -9.65 -30.61
C SER A 104 11.43 -8.80 -31.86
N LYS A 105 12.32 -7.80 -31.90
CA LYS A 105 12.43 -6.87 -33.00
C LYS A 105 12.98 -7.55 -34.26
N ALA A 106 13.92 -8.48 -34.06
CA ALA A 106 14.52 -9.20 -35.18
C ALA A 106 13.42 -9.96 -35.92
N VAL A 107 12.53 -10.57 -35.15
CA VAL A 107 11.42 -11.34 -35.69
C VAL A 107 10.45 -10.46 -36.48
N GLU A 108 10.22 -9.24 -36.00
CA GLU A 108 9.31 -8.33 -36.70
C GLU A 108 9.90 -7.98 -38.04
N GLN A 109 11.13 -7.48 -38.00
CA GLN A 109 11.80 -7.12 -39.23
C GLN A 109 11.72 -8.26 -40.24
N ILE A 110 12.09 -9.47 -39.81
CA ILE A 110 12.05 -10.64 -40.66
C ILE A 110 10.67 -10.94 -41.22
N LYS A 111 9.64 -10.93 -40.37
CA LYS A 111 8.29 -11.22 -40.84
C LYS A 111 7.93 -10.22 -41.91
N ASN A 112 8.47 -9.00 -41.82
CA ASN A 112 8.19 -8.00 -42.82
C ASN A 112 8.85 -8.40 -44.13
N ALA A 113 10.17 -8.55 -44.08
CA ALA A 113 10.94 -8.96 -45.24
C ALA A 113 10.25 -10.15 -45.92
N PHE A 114 9.76 -11.08 -45.11
CA PHE A 114 9.08 -12.28 -45.59
C PHE A 114 7.83 -11.91 -46.39
N ASN A 115 7.05 -10.98 -45.85
CA ASN A 115 5.82 -10.55 -46.49
C ASN A 115 6.11 -9.67 -47.70
N LYS A 116 7.24 -8.97 -47.67
CA LYS A 116 7.63 -8.12 -48.78
C LYS A 116 8.19 -8.99 -49.90
N LEU A 117 8.27 -10.29 -49.65
CA LEU A 117 8.77 -11.26 -50.63
C LEU A 117 7.59 -12.05 -51.16
N GLN A 118 6.44 -11.87 -50.52
CA GLN A 118 5.22 -12.54 -50.93
C GLN A 118 5.46 -14.03 -51.13
N GLU A 119 5.08 -14.53 -52.31
CA GLU A 119 5.25 -15.94 -52.56
C GLU A 119 6.70 -16.35 -52.65
N LYS A 120 7.59 -15.43 -53.02
CA LYS A 120 9.00 -15.76 -53.09
C LYS A 120 9.51 -16.01 -51.68
N GLY A 121 8.83 -15.44 -50.70
CA GLY A 121 9.22 -15.58 -49.31
C GLY A 121 9.02 -16.94 -48.67
N ILE A 122 7.93 -17.63 -49.00
CA ILE A 122 7.66 -18.94 -48.44
C ILE A 122 8.79 -19.92 -48.74
N TYR A 123 9.40 -19.78 -49.90
CA TYR A 123 10.51 -20.64 -50.31
C TYR A 123 11.80 -20.25 -49.60
N LYS A 124 12.01 -18.94 -49.43
CA LYS A 124 13.19 -18.43 -48.76
C LYS A 124 13.16 -18.88 -47.31
N ALA A 125 11.98 -18.80 -46.70
CA ALA A 125 11.82 -19.21 -45.30
C ALA A 125 12.11 -20.70 -45.15
N MSE A 126 11.43 -21.51 -45.96
CA MSE A 126 11.61 -22.94 -45.89
C MSE A 126 13.03 -23.37 -46.21
O MSE A 126 13.54 -24.31 -45.61
CB MSE A 126 10.64 -23.66 -46.84
CG MSE A 126 9.20 -23.64 -46.38
SE MSE A 126 8.97 -24.30 -44.56
CE MSE A 126 9.24 -26.19 -44.87
N SER A 127 13.67 -22.68 -47.16
CA SER A 127 15.03 -23.00 -47.56
C SER A 127 16.07 -22.70 -46.50
N GLU A 128 15.74 -21.78 -45.61
CA GLU A 128 16.65 -21.40 -44.56
C GLU A 128 16.28 -22.09 -43.26
N PHE A 129 15.43 -23.10 -43.34
CA PHE A 129 15.00 -23.81 -42.14
C PHE A 129 16.19 -24.43 -41.41
N ASP A 130 17.18 -24.87 -42.16
CA ASP A 130 18.36 -25.46 -41.56
C ASP A 130 19.05 -24.35 -40.75
N ILE A 131 19.09 -23.14 -41.30
CA ILE A 131 19.70 -22.03 -40.61
C ILE A 131 18.95 -21.80 -39.30
N PHE A 132 17.65 -22.05 -39.33
CA PHE A 132 16.80 -21.86 -38.17
C PHE A 132 17.20 -22.85 -37.09
N ILE A 133 17.26 -24.13 -37.44
CA ILE A 133 17.64 -25.16 -36.48
C ILE A 133 18.98 -24.81 -35.83
N ASN A 134 19.90 -24.28 -36.64
CA ASN A 134 21.20 -23.90 -36.14
C ASN A 134 21.08 -22.86 -35.06
N TYR A 135 20.29 -21.82 -35.32
CA TYR A 135 20.10 -20.79 -34.31
C TYR A 135 19.49 -21.44 -33.08
N ILE A 136 18.45 -22.23 -33.28
CA ILE A 136 17.81 -22.90 -32.16
C ILE A 136 18.91 -23.58 -31.38
N GLU A 137 19.70 -24.37 -32.09
CA GLU A 137 20.80 -25.12 -31.51
C GLU A 137 21.76 -24.20 -30.75
N ALA A 138 22.20 -23.13 -31.39
CA ALA A 138 23.11 -22.19 -30.75
C ALA A 138 22.50 -21.74 -29.45
N TYR A 139 21.29 -21.19 -29.53
CA TYR A 139 20.55 -20.70 -28.39
C TYR A 139 20.64 -21.65 -27.20
N MSE A 140 20.24 -22.90 -27.42
CA MSE A 140 20.30 -23.90 -26.37
C MSE A 140 21.67 -23.90 -25.72
O MSE A 140 21.78 -23.82 -24.49
CB MSE A 140 20.02 -25.28 -26.95
CG MSE A 140 18.63 -25.42 -27.54
SE MSE A 140 18.33 -27.22 -28.17
CE MSE A 140 18.51 -28.13 -26.47
N THR A 141 22.71 -24.00 -26.54
CA THR A 141 24.09 -24.00 -26.05
C THR A 141 24.26 -22.95 -24.95
N ILE A 142 23.64 -21.79 -25.14
CA ILE A 142 23.71 -20.70 -24.17
C ILE A 142 22.81 -21.00 -22.98
N LYS A 143 22.93 -22.20 -22.43
CA LYS A 143 22.14 -22.64 -21.29
C LYS A 143 22.91 -23.71 -20.50
N GLY B 2 -35.40 -2.69 25.42
CA GLY B 2 -35.65 -3.52 24.20
C GLY B 2 -35.30 -4.99 24.40
N THR B 3 -35.64 -5.82 23.42
CA THR B 3 -35.35 -7.24 23.50
C THR B 3 -33.84 -7.49 23.61
N GLU B 4 -33.12 -7.39 22.50
CA GLU B 4 -31.68 -7.61 22.53
C GLU B 4 -30.90 -6.30 22.64
N LEU B 5 -29.63 -6.44 22.99
CA LEU B 5 -28.72 -5.31 23.14
C LEU B 5 -28.23 -4.83 21.77
N PRO B 6 -28.12 -3.51 21.58
CA PRO B 6 -27.66 -2.95 20.31
C PRO B 6 -26.18 -3.20 20.00
N SER B 7 -25.78 -3.02 18.75
CA SER B 7 -24.38 -3.23 18.37
C SER B 7 -23.63 -1.91 18.21
N PRO B 8 -22.30 -1.95 18.35
CA PRO B 8 -21.58 -0.67 18.19
C PRO B 8 -21.85 -0.22 16.75
N PRO B 9 -22.30 1.03 16.56
CA PRO B 9 -22.58 1.49 15.20
C PRO B 9 -21.40 1.28 14.27
N SER B 10 -20.22 1.75 14.67
CA SER B 10 -19.04 1.57 13.83
C SER B 10 -17.82 1.09 14.60
N VAL B 11 -16.89 0.49 13.85
CA VAL B 11 -15.65 -0.07 14.38
C VAL B 11 -14.58 0.17 13.33
N TRP B 12 -13.55 0.91 13.72
CA TRP B 12 -12.50 1.23 12.79
C TRP B 12 -11.16 1.40 13.49
N PHE B 13 -10.08 1.35 12.72
CA PHE B 13 -8.73 1.49 13.24
C PHE B 13 -8.16 2.88 13.06
N GLU B 14 -7.20 3.22 13.90
CA GLU B 14 -6.50 4.48 13.84
C GLU B 14 -5.12 4.09 14.30
N ALA B 15 -4.22 3.91 13.34
CA ALA B 15 -2.89 3.48 13.70
C ALA B 15 -1.75 4.34 13.19
N GLU B 16 -0.66 4.33 13.97
CA GLU B 16 0.60 5.02 13.66
C GLU B 16 1.51 3.81 13.57
N PHE B 17 2.79 4.03 13.31
CA PHE B 17 3.74 2.92 13.19
C PHE B 17 3.85 2.18 14.52
N PHE B 18 3.23 1.00 14.56
CA PHE B 18 3.21 0.17 15.75
C PHE B 18 2.48 0.84 16.91
N HIS B 19 1.29 1.33 16.59
CA HIS B 19 0.40 1.96 17.54
C HIS B 19 -0.95 1.73 16.90
N HIS B 20 -1.33 0.46 16.87
CA HIS B 20 -2.57 0.01 16.24
C HIS B 20 -3.74 0.01 17.19
N ILE B 21 -4.38 1.16 17.30
CA ILE B 21 -5.51 1.32 18.20
C ILE B 21 -6.83 1.14 17.47
N LEU B 22 -7.69 0.28 18.01
CA LEU B 22 -9.01 0.05 17.45
C LEU B 22 -9.96 1.05 18.15
N HIS B 23 -10.98 1.51 17.42
CA HIS B 23 -11.95 2.47 17.92
C HIS B 23 -13.36 2.07 17.55
N TRP B 24 -14.33 2.61 18.27
CA TRP B 24 -15.72 2.33 18.02
C TRP B 24 -16.64 3.37 18.66
N THR B 25 -17.84 3.50 18.13
CA THR B 25 -18.81 4.43 18.68
C THR B 25 -19.71 3.62 19.60
N PRO B 26 -20.04 4.18 20.77
CA PRO B 26 -20.88 3.54 21.77
C PRO B 26 -22.29 3.30 21.29
N ILE B 27 -22.94 2.31 21.90
CA ILE B 27 -24.33 2.03 21.57
C ILE B 27 -25.13 3.11 22.30
N PRO B 28 -26.39 3.34 21.88
CA PRO B 28 -27.23 4.36 22.52
C PRO B 28 -27.80 3.89 23.85
N GLN B 29 -27.99 4.84 24.78
CA GLN B 29 -28.54 4.53 26.10
C GLN B 29 -27.64 3.55 26.84
N GLN B 30 -26.33 3.61 26.64
CA GLN B 30 -25.44 2.67 27.30
C GLN B 30 -25.40 2.78 28.83
N SER B 31 -25.74 1.69 29.52
CA SER B 31 -25.73 1.67 30.97
C SER B 31 -24.29 1.60 31.45
N GLU B 32 -24.05 1.94 32.71
CA GLU B 32 -22.68 1.90 33.24
C GLU B 32 -22.14 0.48 33.20
N SER B 33 -23.00 -0.49 33.50
CA SER B 33 -22.62 -1.89 33.53
C SER B 33 -22.30 -2.53 32.17
N THR B 34 -22.33 -1.74 31.10
CA THR B 34 -22.05 -2.31 29.80
C THR B 34 -20.61 -2.09 29.34
N CYS B 35 -20.06 -3.11 28.67
CA CYS B 35 -18.71 -3.03 28.13
C CYS B 35 -18.67 -3.68 26.76
N TYR B 36 -17.49 -3.70 26.17
CA TYR B 36 -17.31 -4.27 24.85
C TYR B 36 -16.29 -5.41 24.75
N GLU B 37 -16.56 -6.34 23.84
CA GLU B 37 -15.66 -7.47 23.60
C GLU B 37 -14.95 -7.23 22.27
N VAL B 38 -13.63 -7.20 22.29
CA VAL B 38 -12.87 -6.97 21.08
C VAL B 38 -12.30 -8.30 20.62
N ALA B 39 -12.40 -8.58 19.32
CA ALA B 39 -11.89 -9.84 18.76
C ALA B 39 -11.06 -9.60 17.50
N LEU B 40 -10.00 -10.40 17.35
CA LEU B 40 -9.11 -10.25 16.20
C LEU B 40 -9.12 -11.39 15.19
N LEU B 41 -9.00 -11.02 13.92
CA LEU B 41 -8.98 -11.98 12.83
C LEU B 41 -7.77 -11.68 11.98
N ARG B 42 -6.95 -12.69 11.75
CA ARG B 42 -5.77 -12.55 10.92
C ARG B 42 -6.22 -13.01 9.53
N TYR B 43 -5.99 -12.19 8.51
CA TYR B 43 -6.40 -12.55 7.17
C TYR B 43 -5.63 -13.75 6.64
N GLY B 44 -6.35 -14.81 6.32
CA GLY B 44 -5.71 -16.01 5.83
C GLY B 44 -5.93 -17.12 6.82
N ILE B 45 -6.80 -16.85 7.80
CA ILE B 45 -7.13 -17.84 8.80
C ILE B 45 -8.55 -17.58 9.25
N GLU B 46 -9.46 -18.47 8.85
CA GLU B 46 -10.87 -18.35 9.20
C GLU B 46 -11.03 -18.77 10.68
N SER B 47 -10.88 -17.81 11.58
CA SER B 47 -11.01 -18.08 13.01
C SER B 47 -10.71 -16.83 13.82
N TRP B 48 -11.73 -16.33 14.52
CA TRP B 48 -11.56 -15.13 15.33
C TRP B 48 -11.02 -15.48 16.71
N ASN B 49 -10.41 -14.47 17.35
CA ASN B 49 -9.84 -14.65 18.68
C ASN B 49 -10.19 -13.46 19.56
N SER B 50 -10.85 -13.74 20.67
CA SER B 50 -11.24 -12.71 21.61
C SER B 50 -9.99 -12.15 22.27
N ILE B 51 -9.86 -10.82 22.28
CA ILE B 51 -8.70 -10.16 22.86
C ILE B 51 -9.02 -9.61 24.23
N SER B 52 -10.24 -9.09 24.38
CA SER B 52 -10.69 -8.54 25.64
C SER B 52 -12.15 -8.95 25.80
N GLN B 53 -12.44 -9.64 26.91
CA GLN B 53 -13.79 -10.11 27.23
C GLN B 53 -14.66 -8.93 27.56
N CYS B 54 -14.05 -7.89 28.12
CA CYS B 54 -14.77 -6.71 28.54
C CYS B 54 -13.85 -5.50 28.61
N SER B 55 -14.29 -4.43 27.97
CA SER B 55 -13.54 -3.19 27.94
C SER B 55 -14.51 -2.02 28.11
N GLN B 56 -14.34 -1.27 29.19
CA GLN B 56 -15.20 -0.11 29.45
C GLN B 56 -14.49 1.11 28.93
N THR B 57 -14.33 1.13 27.62
CA THR B 57 -13.66 2.22 26.90
C THR B 57 -14.35 2.29 25.55
N LEU B 58 -13.81 3.12 24.67
CA LEU B 58 -14.33 3.25 23.32
C LEU B 58 -13.15 3.05 22.36
N SER B 59 -12.13 2.32 22.82
CA SER B 59 -10.95 2.04 22.03
C SER B 59 -10.14 0.96 22.73
N TYR B 60 -9.20 0.35 22.00
CA TYR B 60 -8.35 -0.72 22.56
C TYR B 60 -7.02 -0.76 21.82
N ASP B 61 -5.92 -1.03 22.52
CA ASP B 61 -4.63 -1.07 21.85
C ASP B 61 -4.33 -2.50 21.38
N LEU B 62 -4.51 -2.74 20.10
CA LEU B 62 -4.30 -4.05 19.52
C LEU B 62 -2.90 -4.25 18.98
N THR B 63 -2.00 -3.32 19.29
CA THR B 63 -0.62 -3.43 18.82
C THR B 63 0.05 -4.75 19.23
N ALA B 64 -0.03 -5.06 20.52
CA ALA B 64 0.61 -6.25 21.04
C ALA B 64 0.25 -7.46 20.22
N VAL B 65 -0.98 -7.49 19.70
CA VAL B 65 -1.43 -8.62 18.91
C VAL B 65 -1.40 -8.43 17.41
N THR B 66 -0.96 -7.27 16.95
CA THR B 66 -0.93 -7.04 15.51
C THR B 66 0.48 -6.69 15.06
N LEU B 67 1.45 -7.18 15.83
CA LEU B 67 2.87 -6.93 15.58
C LEU B 67 3.38 -7.40 14.22
N ASP B 68 2.60 -8.23 13.53
CA ASP B 68 2.98 -8.75 12.21
C ASP B 68 2.44 -7.96 11.06
N LEU B 69 1.73 -6.88 11.36
CA LEU B 69 1.10 -6.06 10.34
C LEU B 69 1.94 -5.82 9.08
N TYR B 70 3.19 -5.44 9.27
CA TYR B 70 4.06 -5.11 8.14
C TYR B 70 4.68 -6.29 7.41
N HIS B 71 4.28 -7.51 7.76
CA HIS B 71 4.80 -8.69 7.08
C HIS B 71 3.65 -9.61 6.74
N SER B 72 2.43 -9.14 7.05
CA SER B 72 1.21 -9.90 6.81
C SER B 72 0.29 -9.25 5.79
N ASN B 73 -0.86 -9.88 5.60
CA ASN B 73 -1.90 -9.38 4.69
C ASN B 73 -2.99 -8.71 5.53
N GLY B 74 -2.63 -8.28 6.73
CA GLY B 74 -3.57 -7.60 7.60
C GLY B 74 -4.54 -8.41 8.42
N TYR B 75 -5.39 -7.67 9.14
CA TYR B 75 -6.37 -8.27 10.03
C TYR B 75 -7.78 -7.70 9.86
N ARG B 76 -8.70 -8.29 10.61
CA ARG B 76 -10.09 -7.86 10.65
C ARG B 76 -10.33 -7.78 12.14
N ALA B 77 -10.91 -6.67 12.59
CA ALA B 77 -11.19 -6.48 13.99
C ALA B 77 -12.69 -6.33 14.17
N ARG B 78 -13.20 -6.66 15.35
CA ARG B 78 -14.61 -6.54 15.61
C ARG B 78 -14.96 -6.29 17.08
N VAL B 79 -16.16 -5.75 17.31
CA VAL B 79 -16.60 -5.47 18.66
C VAL B 79 -18.09 -5.77 18.85
N ARG B 80 -18.44 -6.12 20.08
CA ARG B 80 -19.83 -6.36 20.42
C ARG B 80 -20.01 -5.94 21.87
N ALA B 81 -21.09 -5.22 22.13
CA ALA B 81 -21.39 -4.76 23.46
C ALA B 81 -21.92 -5.94 24.27
N VAL B 82 -21.62 -5.91 25.56
CA VAL B 82 -22.07 -6.95 26.48
C VAL B 82 -22.53 -6.30 27.77
N ASP B 83 -23.62 -6.81 28.30
CA ASP B 83 -24.18 -6.33 29.55
C ASP B 83 -24.83 -7.51 30.22
N GLY B 84 -24.28 -7.96 31.32
CA GLY B 84 -24.87 -9.10 31.99
C GLY B 84 -24.61 -10.30 31.09
N SER B 85 -25.63 -11.15 30.94
CA SER B 85 -25.52 -12.35 30.13
C SER B 85 -25.87 -12.10 28.68
N ARG B 86 -26.37 -10.91 28.37
CA ARG B 86 -26.73 -10.61 26.99
C ARG B 86 -25.68 -9.80 26.24
N HIS B 87 -25.65 -9.97 24.92
CA HIS B 87 -24.73 -9.25 24.07
C HIS B 87 -25.36 -8.90 22.72
N SER B 88 -24.68 -8.07 21.97
CA SER B 88 -25.17 -7.64 20.66
C SER B 88 -24.53 -8.42 19.52
N GLN B 89 -24.88 -8.02 18.31
CA GLN B 89 -24.32 -8.62 17.11
C GLN B 89 -22.88 -8.09 17.07
N TRP B 90 -22.03 -8.73 16.29
CA TRP B 90 -20.67 -8.24 16.20
C TRP B 90 -20.69 -7.16 15.16
N THR B 91 -19.81 -6.18 15.31
CA THR B 91 -19.66 -5.12 14.33
C THR B 91 -18.20 -5.22 13.94
N VAL B 92 -17.95 -5.67 12.71
CA VAL B 92 -16.59 -5.81 12.19
C VAL B 92 -16.18 -4.55 11.44
N THR B 93 -14.89 -4.30 11.37
CA THR B 93 -14.36 -3.15 10.66
C THR B 93 -14.77 -3.27 9.19
N ASN B 94 -15.14 -2.17 8.55
CA ASN B 94 -15.53 -2.19 7.13
C ASN B 94 -14.43 -2.77 6.22
N THR B 95 -13.20 -2.30 6.37
CA THR B 95 -12.12 -2.80 5.55
C THR B 95 -11.14 -3.67 6.34
N ARG B 96 -10.24 -4.33 5.63
CA ARG B 96 -9.22 -5.17 6.24
C ARG B 96 -8.07 -4.25 6.68
N PHE B 97 -7.67 -4.37 7.94
CA PHE B 97 -6.60 -3.53 8.42
C PHE B 97 -5.23 -4.01 7.93
N SER B 98 -4.55 -3.16 7.18
CA SER B 98 -3.24 -3.51 6.68
C SER B 98 -2.37 -2.28 6.84
N VAL B 99 -1.14 -2.34 6.34
CA VAL B 99 -0.23 -1.21 6.46
C VAL B 99 -0.76 0.01 5.69
N ASP B 100 -1.68 -0.22 4.77
CA ASP B 100 -2.21 0.89 4.01
C ASP B 100 -2.95 1.86 4.90
N GLU B 101 -3.55 1.36 5.98
CA GLU B 101 -4.31 2.24 6.89
C GLU B 101 -3.47 2.77 8.05
N VAL B 102 -2.15 2.71 7.91
CA VAL B 102 -1.26 3.22 8.95
C VAL B 102 -0.89 4.65 8.60
N THR B 103 -1.14 5.57 9.52
CA THR B 103 -0.82 6.98 9.31
C THR B 103 0.64 7.25 9.66
N LEU B 104 1.39 7.64 8.65
CA LEU B 104 2.81 7.92 8.79
C LEU B 104 3.11 9.11 9.69
N THR B 105 4.15 8.97 10.51
CA THR B 105 4.59 10.01 11.44
C THR B 105 6.10 9.93 11.61
N VAL B 106 6.71 11.03 12.03
CA VAL B 106 8.15 11.07 12.26
C VAL B 106 8.38 11.02 13.78
N GLY B 107 9.50 10.44 14.18
CA GLY B 107 9.84 10.35 15.60
C GLY B 107 10.05 11.72 16.21
N SER B 108 10.76 12.59 15.48
CA SER B 108 11.05 13.94 15.95
C SER B 108 11.95 14.64 14.94
N VAL B 109 12.26 15.90 15.21
CA VAL B 109 13.09 16.70 14.33
C VAL B 109 14.15 17.49 15.07
N ASN B 110 15.38 17.43 14.57
CA ASN B 110 16.50 18.15 15.17
C ASN B 110 16.91 19.28 14.23
N LEU B 111 17.15 20.45 14.82
CA LEU B 111 17.57 21.62 14.06
C LEU B 111 18.93 22.09 14.53
N GLU B 112 19.84 22.30 13.59
CA GLU B 112 21.19 22.75 13.92
C GLU B 112 21.55 24.04 13.21
N ILE B 113 22.31 24.89 13.92
CA ILE B 113 22.79 26.15 13.36
C ILE B 113 24.21 25.88 12.85
N HIS B 114 24.43 26.06 11.54
CA HIS B 114 25.73 25.82 10.93
C HIS B 114 26.41 27.06 10.34
N ASN B 115 27.04 26.85 9.17
CA ASN B 115 27.72 27.90 8.44
C ASN B 115 26.82 29.13 8.26
N GLY B 116 25.84 29.02 7.38
CA GLY B 116 24.92 30.11 7.15
C GLY B 116 23.62 29.50 6.69
N PHE B 117 23.14 28.55 7.49
CA PHE B 117 21.90 27.81 7.21
C PHE B 117 21.48 26.96 8.40
N ILE B 118 20.35 26.28 8.22
CA ILE B 118 19.81 25.40 9.24
C ILE B 118 19.79 24.00 8.68
N LEU B 119 20.23 23.05 9.50
CA LEU B 119 20.27 21.66 9.08
C LEU B 119 19.21 20.88 9.85
N GLY B 120 18.34 20.20 9.11
CA GLY B 120 17.30 19.42 9.75
C GLY B 120 17.56 17.92 9.68
N LYS B 121 17.34 17.25 10.80
CA LYS B 121 17.54 15.80 10.89
C LYS B 121 16.21 15.19 11.31
N ILE B 122 15.58 14.44 10.42
CA ILE B 122 14.31 13.80 10.73
C ILE B 122 14.50 12.45 11.39
N GLN B 123 14.09 12.35 12.64
CA GLN B 123 14.23 11.10 13.38
C GLN B 123 12.92 10.33 13.27
N LEU B 124 12.97 9.18 12.62
CA LEU B 124 11.81 8.32 12.42
C LEU B 124 11.32 7.64 13.70
N PRO B 125 10.04 7.23 13.73
CA PRO B 125 9.43 6.56 14.90
C PRO B 125 10.08 5.27 15.35
N ARG B 126 10.45 5.26 16.63
CA ARG B 126 11.08 4.12 17.24
C ARG B 126 10.15 3.59 18.31
N PRO B 127 8.97 3.09 17.92
CA PRO B 127 8.05 2.59 18.94
C PRO B 127 8.72 1.47 19.76
N LYS B 128 8.50 1.49 21.07
CA LYS B 128 9.11 0.51 21.95
C LYS B 128 8.77 -0.96 21.69
N MET B 129 7.53 -1.24 21.30
CA MET B 129 7.09 -2.61 21.03
C MET B 129 7.48 -3.19 19.68
N ALA B 130 7.87 -2.34 18.76
CA ALA B 130 8.25 -2.79 17.43
C ALA B 130 9.43 -3.77 17.46
N PRO B 131 9.26 -4.94 16.84
CA PRO B 131 10.33 -5.95 16.81
C PRO B 131 11.67 -5.29 16.52
N ALA B 132 12.75 -5.87 17.03
CA ALA B 132 14.08 -5.33 16.81
C ALA B 132 14.39 -5.15 15.32
N GLN B 133 14.24 -6.21 14.53
CA GLN B 133 14.53 -6.12 13.10
C GLN B 133 13.58 -5.20 12.36
N ASP B 134 12.33 -5.14 12.80
CA ASP B 134 11.31 -4.31 12.16
C ASP B 134 11.43 -2.82 12.41
N THR B 135 12.26 -2.19 11.59
CA THR B 135 12.50 -0.77 11.68
C THR B 135 11.65 -0.04 10.66
N TYR B 136 11.52 1.27 10.82
CA TYR B 136 10.72 2.07 9.89
C TYR B 136 11.36 2.01 8.51
N GLU B 137 12.65 2.29 8.45
CA GLU B 137 13.41 2.26 7.21
C GLU B 137 13.37 0.87 6.63
N SER B 138 13.22 -0.11 7.50
CA SER B 138 13.15 -1.51 7.11
C SER B 138 11.81 -1.80 6.42
N ILE B 139 10.73 -1.28 6.98
CA ILE B 139 9.42 -1.50 6.41
C ILE B 139 9.29 -0.63 5.17
N PHE B 140 9.55 0.67 5.34
CA PHE B 140 9.47 1.61 4.22
C PHE B 140 10.89 1.95 3.79
N SER B 141 11.49 1.06 3.01
CA SER B 141 12.86 1.20 2.55
C SER B 141 13.14 2.16 1.40
N HIS B 142 12.11 2.61 0.68
CA HIS B 142 12.33 3.52 -0.44
C HIS B 142 11.24 4.54 -0.59
N PHE B 143 11.56 5.66 -1.24
CA PHE B 143 10.58 6.69 -1.50
C PHE B 143 10.04 7.45 -0.31
N ARG B 144 10.76 7.42 0.80
CA ARG B 144 10.33 8.17 1.97
C ARG B 144 10.58 9.64 1.63
N GLU B 145 9.53 10.44 1.70
CA GLU B 145 9.66 11.86 1.40
C GLU B 145 9.10 12.66 2.57
N TYR B 146 9.31 13.96 2.55
CA TYR B 146 8.80 14.79 3.64
C TYR B 146 8.34 16.15 3.18
N GLU B 147 7.20 16.58 3.71
CA GLU B 147 6.68 17.90 3.38
C GLU B 147 7.13 18.69 4.60
N ILE B 148 7.76 19.84 4.37
CA ILE B 148 8.27 20.65 5.48
C ILE B 148 7.64 22.04 5.61
N ALA B 149 7.28 22.39 6.84
CA ALA B 149 6.66 23.69 7.14
C ALA B 149 7.55 24.52 8.08
N ILE B 150 7.94 25.70 7.62
CA ILE B 150 8.79 26.56 8.42
C ILE B 150 8.10 27.88 8.76
N ARG B 151 8.13 28.24 10.04
CA ARG B 151 7.52 29.48 10.48
C ARG B 151 8.56 30.33 11.21
N LYS B 152 8.60 31.61 10.88
CA LYS B 152 9.55 32.49 11.53
C LYS B 152 8.90 33.02 12.80
N VAL B 153 9.75 33.38 13.76
CA VAL B 153 9.31 33.93 15.04
C VAL B 153 10.44 34.83 15.51
N PRO B 154 10.14 36.07 15.91
CA PRO B 154 8.79 36.67 15.93
C PRO B 154 8.18 36.73 14.54
N GLY B 155 6.86 36.77 14.50
CA GLY B 155 6.22 36.86 13.21
C GLY B 155 4.83 36.32 13.30
N GLN B 156 4.06 36.53 12.24
CA GLN B 156 2.70 36.04 12.19
C GLN B 156 2.71 34.52 12.05
N PHE B 157 1.52 33.93 11.99
CA PHE B 157 1.36 32.48 11.91
C PHE B 157 1.26 31.99 10.48
N THR B 158 2.33 32.17 9.71
CA THR B 158 2.37 31.73 8.32
C THR B 158 3.59 30.86 8.12
N PHE B 159 3.51 29.94 7.17
CA PHE B 159 4.57 28.97 6.90
C PHE B 159 5.02 28.89 5.46
N THR B 160 6.26 28.45 5.29
CA THR B 160 6.86 28.28 3.98
C THR B 160 6.89 26.78 3.79
N HIS B 161 6.39 26.31 2.65
CA HIS B 161 6.35 24.88 2.39
C HIS B 161 7.48 24.45 1.48
N LYS B 162 8.17 23.38 1.89
CA LYS B 162 9.31 22.84 1.16
C LYS B 162 9.17 21.32 1.07
N LYS B 163 9.66 20.72 -0.01
CA LYS B 163 9.56 19.27 -0.16
C LYS B 163 10.93 18.57 -0.18
N VAL B 164 11.13 17.58 0.70
CA VAL B 164 12.41 16.87 0.76
C VAL B 164 12.36 15.35 0.59
N LYS B 165 13.36 14.84 -0.13
CA LYS B 165 13.48 13.42 -0.42
C LYS B 165 14.33 12.65 0.59
N HIS B 166 14.77 13.32 1.66
CA HIS B 166 15.59 12.65 2.68
C HIS B 166 15.27 13.02 4.11
N GLU B 167 15.87 12.27 5.03
CA GLU B 167 15.65 12.52 6.45
C GLU B 167 16.43 13.73 6.94
N GLN B 168 17.22 14.31 6.04
CA GLN B 168 18.01 15.50 6.36
C GLN B 168 17.85 16.51 5.25
N PHE B 169 17.54 17.74 5.60
CA PHE B 169 17.35 18.82 4.63
C PHE B 169 18.14 20.05 5.10
N SER B 170 18.29 21.03 4.22
CA SER B 170 19.03 22.25 4.57
C SER B 170 18.26 23.48 4.11
N LEU B 171 18.11 24.44 5.00
CA LEU B 171 17.38 25.66 4.69
C LEU B 171 18.29 26.89 4.78
N LEU B 172 18.62 27.48 3.64
CA LEU B 172 19.49 28.64 3.60
C LEU B 172 18.85 29.76 4.43
N THR B 173 19.70 30.57 5.07
CA THR B 173 19.22 31.66 5.91
C THR B 173 19.44 33.05 5.30
N SER B 174 18.42 33.90 5.43
CA SER B 174 18.48 35.25 4.90
C SER B 174 19.08 36.18 5.94
N GLY B 175 19.27 35.64 7.14
CA GLY B 175 19.85 36.44 8.21
C GLY B 175 18.82 37.10 9.11
N GLU B 176 18.26 38.22 8.65
CA GLU B 176 17.27 39.02 9.39
C GLU B 176 16.32 38.29 10.36
N VAL B 177 15.96 37.04 10.06
CA VAL B 177 15.06 36.28 10.91
C VAL B 177 15.74 35.76 12.18
N GLY B 178 15.04 35.87 13.32
CA GLY B 178 15.58 35.40 14.58
C GLY B 178 15.40 33.91 14.82
N GLU B 179 14.24 33.52 15.31
CA GLU B 179 13.96 32.11 15.55
C GLU B 179 13.13 31.51 14.43
N PHE B 180 13.29 30.21 14.23
CA PHE B 180 12.55 29.46 13.20
C PHE B 180 11.96 28.22 13.88
N CYS B 181 10.79 27.80 13.40
CA CYS B 181 10.13 26.60 13.92
C CYS B 181 9.76 25.74 12.74
N VAL B 182 9.91 24.43 12.89
CA VAL B 182 9.61 23.51 11.81
C VAL B 182 8.69 22.39 12.23
N GLN B 183 8.01 21.83 11.25
CA GLN B 183 7.13 20.69 11.46
C GLN B 183 7.33 19.89 10.18
N VAL B 184 7.14 18.58 10.29
CA VAL B 184 7.37 17.69 9.18
C VAL B 184 6.22 16.72 8.95
N LYS B 185 5.99 16.41 7.68
CA LYS B 185 4.93 15.47 7.32
C LYS B 185 5.54 14.46 6.36
N PRO B 186 5.65 13.21 6.82
CA PRO B 186 6.23 12.12 6.03
C PRO B 186 5.22 11.38 5.13
N SER B 187 5.74 10.77 4.08
CA SER B 187 4.91 10.00 3.20
C SER B 187 5.85 9.05 2.48
N VAL B 188 5.31 8.25 1.58
CA VAL B 188 6.09 7.30 0.80
C VAL B 188 5.56 7.42 -0.60
N ALA B 189 6.37 7.99 -1.49
CA ALA B 189 5.97 8.20 -2.88
C ALA B 189 5.15 7.07 -3.49
N SER B 190 5.43 5.83 -3.11
CA SER B 190 4.74 4.66 -3.66
C SER B 190 3.42 4.31 -2.99
N ARG B 191 3.18 4.86 -1.80
CA ARG B 191 1.95 4.61 -1.07
C ARG B 191 1.12 5.85 -0.90
N SER B 192 -0.16 5.65 -0.62
CA SER B 192 -1.11 6.73 -0.44
C SER B 192 -1.40 6.97 1.05
N ASN B 193 -0.61 6.38 1.93
CA ASN B 193 -0.80 6.56 3.36
C ASN B 193 -0.90 8.03 3.73
N LYS B 194 -1.80 8.38 4.63
CA LYS B 194 -1.89 9.76 5.05
C LYS B 194 -0.71 9.92 6.00
N GLY B 195 -0.34 11.16 6.30
CA GLY B 195 0.78 11.42 7.19
C GLY B 195 0.37 12.41 8.26
N MET B 196 1.03 12.35 9.39
CA MET B 196 0.72 13.24 10.51
C MET B 196 1.72 14.37 10.65
N TRP B 197 1.26 15.61 10.67
CA TRP B 197 2.21 16.71 10.86
C TRP B 197 2.86 16.55 12.23
N SER B 198 4.13 16.92 12.31
CA SER B 198 4.87 16.80 13.56
C SER B 198 4.65 18.02 14.45
N LYS B 199 5.11 17.90 15.69
CA LYS B 199 4.97 18.99 16.64
C LYS B 199 6.03 20.06 16.37
N GLU B 200 5.67 21.31 16.65
CA GLU B 200 6.56 22.46 16.47
C GLU B 200 7.97 22.13 16.99
N GLU B 201 8.98 22.53 16.23
CA GLU B 201 10.37 22.32 16.61
C GLU B 201 11.08 23.60 16.26
N CYS B 202 11.57 24.31 17.27
CA CYS B 202 12.25 25.59 17.05
C CYS B 202 13.69 25.63 17.55
N ILE B 203 14.43 26.65 17.13
CA ILE B 203 15.81 26.82 17.54
C ILE B 203 15.92 27.90 18.63
#